data_6HCC
#
_entry.id   6HCC
#
_cell.length_a   97.979
_cell.length_b   121.967
_cell.length_c   47.395
_cell.angle_alpha   90.000
_cell.angle_beta   90.000
_cell.angle_gamma   90.000
#
_symmetry.space_group_name_H-M   'P 21 21 2'
#
loop_
_entity.id
_entity.type
_entity.pdbx_description
1 polymer 'Glutamate receptor 2'
2 non-polymer "6,6'-(ETHANE-1,2-DIYL)BIS(4-CYCLOPROPYL-3,4-DIHYDRO-2H-1,2,4-BENZOTHIADIAZINE 1,1-DIOXIDE)"
3 non-polymer 'GLUTAMIC ACID'
4 non-polymer 'SULFATE ION'
5 non-polymer GLYCEROL
6 non-polymer DI(HYDROXYETHYL)ETHER
7 non-polymer 'CHLORIDE ION'
8 non-polymer 'ACETATE ION'
9 water water
#
_entity_poly.entity_id   1
_entity_poly.type   'polypeptide(L)'
_entity_poly.pdbx_seq_one_letter_code
;GANKTVVVTTILESPYVMMKKNHEMLEGNERYEGYCVDLAAEIAKHCGFKYKLTIVGDGKYGARDADTKIWNGMVGELVY
GKADIAIAPLTITLVREEVIDFSKPFMSLGISIMIKKGTPIESAEDLSKQTEIAYGTLDSGSTKEFFRRSKIAVFDKMWT
YMRSAEPSVFVRTTAEGVARVRKSKGKYAYLLESTMNEYIEQRKPCDTMKVGGNLDSKGYGIATPKGSSLGNAVNLAVLK
LSEQGLLDKLKNKWWYDKGECGSG
;
_entity_poly.pdbx_strand_id   A,B
#
loop_
_chem_comp.id
_chem_comp.type
_chem_comp.name
_chem_comp.formula
ACT non-polymer 'ACETATE ION' 'C2 H3 O2 -1'
CL non-polymer 'CHLORIDE ION' 'Cl -1'
FXW non-polymer '6,6'-(ETHANE-1,2-DIYL)BIS(4-CYCLOPROPYL-3,4-DIHYDRO-2H-1,2,4-BENZOTHIADIAZINE 1,1-DIOXIDE)' 'C22 H26 N4 O4 S2'
GOL non-polymer GLYCEROL 'C3 H8 O3'
PEG non-polymer DI(HYDROXYETHYL)ETHER 'C4 H10 O3'
SO4 non-polymer 'SULFATE ION' 'O4 S -2'
#
# COMPACT_ATOMS: atom_id res chain seq x y z
N GLY A 1 13.82 18.50 27.04
CA GLY A 1 14.35 17.89 28.29
C GLY A 1 15.12 16.61 28.02
N ALA A 2 15.42 15.87 29.08
CA ALA A 2 16.18 14.64 28.92
C ALA A 2 15.36 13.60 28.17
N ASN A 3 16.06 12.68 27.52
CA ASN A 3 15.39 11.54 26.90
C ASN A 3 14.51 10.83 27.92
N LYS A 4 13.32 10.45 27.49
CA LYS A 4 12.37 9.74 28.32
C LYS A 4 11.96 8.46 27.61
N THR A 5 11.70 7.42 28.39
CA THR A 5 11.22 6.17 27.81
C THR A 5 9.90 6.39 27.08
N VAL A 6 9.86 5.92 25.83
CA VAL A 6 8.70 6.07 24.98
C VAL A 6 7.68 4.99 25.32
N VAL A 7 6.44 5.39 25.61
CA VAL A 7 5.36 4.46 25.92
C VAL A 7 4.70 4.03 24.61
N VAL A 8 4.81 2.74 24.30
CA VAL A 8 4.27 2.16 23.09
C VAL A 8 2.97 1.45 23.44
N THR A 9 1.86 1.85 22.83
CA THR A 9 0.64 1.08 22.94
C THR A 9 0.58 0.09 21.78
N THR A 10 0.13 -1.13 22.10
CA THR A 10 -0.01 -2.19 21.11
C THR A 10 -1.10 -3.13 21.63
N ILE A 11 -1.33 -4.22 20.90
CA ILE A 11 -2.50 -5.05 21.15
C ILE A 11 -2.09 -6.50 21.01
N LEU A 12 -2.66 -7.37 21.85
CA LEU A 12 -2.38 -8.81 21.80
C LEU A 12 -3.16 -9.41 20.65
N GLU A 13 -2.50 -9.46 19.51
CA GLU A 13 -3.08 -9.93 18.25
CA GLU A 13 -3.08 -9.93 18.26
C GLU A 13 -2.01 -10.75 17.55
N SER A 14 -2.25 -12.04 17.38
CA SER A 14 -1.26 -12.91 16.76
C SER A 14 -1.21 -12.66 15.25
N PRO A 15 0.00 -12.70 14.65
CA PRO A 15 1.33 -12.88 15.21
C PRO A 15 2.06 -11.55 15.48
N TYR A 16 1.30 -10.46 15.59
CA TYR A 16 1.90 -9.14 15.78
C TYR A 16 2.50 -9.01 17.18
N VAL A 17 1.71 -9.33 18.21
CA VAL A 17 2.19 -9.36 19.59
C VAL A 17 1.56 -10.56 20.27
N MET A 18 2.40 -11.42 20.84
CA MET A 18 2.00 -12.65 21.48
C MET A 18 2.77 -12.83 22.79
N MET A 19 2.16 -13.52 23.74
CA MET A 19 2.87 -13.85 24.97
C MET A 19 3.92 -14.92 24.69
N LYS A 20 5.16 -14.65 25.09
CA LYS A 20 6.22 -15.64 24.98
C LYS A 20 5.97 -16.84 25.88
N LYS A 21 6.50 -17.98 25.49
CA LYS A 21 6.70 -19.06 26.44
C LYS A 21 7.54 -18.55 27.62
N ASN A 22 7.15 -18.95 28.82
CA ASN A 22 7.78 -18.53 30.08
C ASN A 22 7.50 -17.08 30.42
N HIS A 23 6.53 -16.44 29.75
CA HIS A 23 6.19 -15.05 30.10
C HIS A 23 5.91 -14.90 31.60
N GLU A 24 5.44 -15.96 32.26
CA GLU A 24 5.04 -15.82 33.66
C GLU A 24 6.21 -15.51 34.57
N MET A 25 7.45 -15.71 34.12
CA MET A 25 8.62 -15.33 34.89
C MET A 25 9.44 -14.24 34.21
N LEU A 26 8.94 -13.66 33.13
CA LEU A 26 9.58 -12.54 32.45
C LEU A 26 8.89 -11.22 32.80
N GLU A 27 9.61 -10.13 32.57
CA GLU A 27 9.09 -8.80 32.86
C GLU A 27 9.37 -7.86 31.69
N GLY A 28 8.60 -6.78 31.65
CA GLY A 28 8.86 -5.77 30.65
C GLY A 28 8.65 -6.29 29.24
N ASN A 29 9.45 -5.75 28.31
CA ASN A 29 9.27 -6.08 26.90
C ASN A 29 9.57 -7.55 26.60
N GLU A 30 10.35 -8.21 27.45
CA GLU A 30 10.73 -9.60 27.22
C GLU A 30 9.55 -10.55 27.34
N ARG A 31 8.40 -10.08 27.84
CA ARG A 31 7.21 -10.93 27.92
C ARG A 31 6.63 -11.24 26.55
N TYR A 32 6.97 -10.46 25.53
CA TYR A 32 6.22 -10.46 24.28
C TYR A 32 7.13 -10.82 23.11
N GLU A 33 6.51 -11.39 22.07
CA GLU A 33 7.20 -11.66 20.81
C GLU A 33 6.22 -11.44 19.69
N GLY A 34 6.76 -11.27 18.48
CA GLY A 34 5.90 -11.12 17.32
C GLY A 34 6.40 -10.09 16.33
N TYR A 35 5.64 -9.95 15.25
CA TYR A 35 6.02 -9.03 14.18
C TYR A 35 6.20 -7.60 14.68
N CYS A 36 5.25 -7.12 15.48
CA CYS A 36 5.32 -5.74 15.95
C CYS A 36 6.31 -5.56 17.10
N VAL A 37 6.63 -6.64 17.80
CA VAL A 37 7.73 -6.57 18.78
C VAL A 37 9.05 -6.37 18.05
N ASP A 38 9.29 -7.15 17.00
CA ASP A 38 10.48 -6.97 16.18
C ASP A 38 10.49 -5.60 15.52
N LEU A 39 9.35 -5.16 14.99
CA LEU A 39 9.28 -3.86 14.34
C LEU A 39 9.57 -2.73 15.32
N ALA A 40 8.98 -2.80 16.53
CA ALA A 40 9.27 -1.79 17.53
C ALA A 40 10.76 -1.71 17.81
N ALA A 41 11.43 -2.85 17.91
CA ALA A 41 12.87 -2.83 18.16
C ALA A 41 13.63 -2.17 17.01
N GLU A 42 13.22 -2.45 15.77
CA GLU A 42 13.91 -1.84 14.62
C GLU A 42 13.66 -0.33 14.56
N ILE A 43 12.43 0.10 14.79
CA ILE A 43 12.12 1.52 14.75
CA ILE A 43 12.12 1.52 14.75
C ILE A 43 12.89 2.25 15.84
N ALA A 44 12.88 1.70 17.06
CA ALA A 44 13.58 2.33 18.18
C ALA A 44 15.08 2.43 17.91
N LYS A 45 15.66 1.41 17.29
CA LYS A 45 17.09 1.45 16.99
C LYS A 45 17.39 2.55 15.99
N HIS A 46 16.60 2.63 14.92
CA HIS A 46 16.85 3.64 13.90
C HIS A 46 16.57 5.04 14.40
N CYS A 47 15.63 5.20 15.33
CA CYS A 47 15.26 6.52 15.85
C CYS A 47 15.98 6.89 17.14
N GLY A 48 16.66 5.95 17.77
CA GLY A 48 17.42 6.23 18.97
C GLY A 48 16.59 6.52 20.21
N PHE A 49 15.57 5.71 20.50
CA PHE A 49 14.83 5.86 21.74
C PHE A 49 14.70 4.52 22.45
N LYS A 50 14.62 4.59 23.77
CA LYS A 50 14.22 3.47 24.61
C LYS A 50 12.70 3.48 24.75
N TYR A 51 12.11 2.30 25.01
CA TYR A 51 10.66 2.21 24.97
C TYR A 51 10.15 1.09 25.87
N LYS A 52 8.86 1.20 26.20
CA LYS A 52 8.15 0.21 27.01
C LYS A 52 6.88 -0.19 26.26
N LEU A 53 6.78 -1.48 25.92
CA LEU A 53 5.55 -2.01 25.31
C LEU A 53 4.45 -2.13 26.37
N THR A 54 3.27 -1.60 26.05
CA THR A 54 2.12 -1.64 26.96
CA THR A 54 2.12 -1.64 26.96
C THR A 54 0.89 -2.08 26.19
N ILE A 55 0.27 -3.18 26.61
CA ILE A 55 -0.91 -3.67 25.93
C ILE A 55 -2.09 -2.77 26.25
N VAL A 56 -2.81 -2.33 25.20
CA VAL A 56 -3.93 -1.43 25.39
C VAL A 56 -4.93 -2.02 26.38
N GLY A 57 -5.36 -1.19 27.33
CA GLY A 57 -6.12 -1.69 28.47
C GLY A 57 -7.44 -2.33 28.08
N ASP A 58 -8.16 -1.72 27.13
CA ASP A 58 -9.47 -2.24 26.75
C ASP A 58 -9.42 -3.25 25.61
N GLY A 59 -8.23 -3.57 25.10
CA GLY A 59 -8.09 -4.59 24.07
C GLY A 59 -8.67 -4.23 22.73
N LYS A 60 -8.85 -2.93 22.46
CA LYS A 60 -9.53 -2.47 21.26
C LYS A 60 -8.58 -1.66 20.38
N TYR A 61 -8.89 -1.64 19.09
CA TYR A 61 -8.12 -0.86 18.12
C TYR A 61 -8.44 0.63 18.24
N GLY A 62 -9.71 0.99 18.11
CA GLY A 62 -10.09 2.37 18.30
C GLY A 62 -11.29 2.82 17.50
N ALA A 63 -12.31 3.28 18.21
CA ALA A 63 -13.52 3.84 17.62
C ALA A 63 -13.95 5.02 18.49
N ARG A 64 -14.66 5.95 17.87
CA ARG A 64 -15.20 7.12 18.53
C ARG A 64 -16.67 6.91 18.81
N ASP A 65 -17.05 7.05 20.08
CA ASP A 65 -18.45 6.95 20.47
C ASP A 65 -19.27 8.05 19.83
N ALA A 66 -20.36 7.68 19.14
CA ALA A 66 -21.16 8.67 18.44
C ALA A 66 -21.77 9.70 19.40
N ASP A 67 -22.05 9.29 20.64
CA ASP A 67 -22.68 10.18 21.60
C ASP A 67 -21.66 11.03 22.36
N THR A 68 -20.74 10.39 23.07
CA THR A 68 -19.75 11.11 23.87
C THR A 68 -18.60 11.65 23.04
N LYS A 69 -18.39 11.13 21.83
CA LYS A 69 -17.26 11.50 20.99
C LYS A 69 -15.93 11.11 21.61
N ILE A 70 -15.93 10.20 22.57
CA ILE A 70 -14.70 9.73 23.22
C ILE A 70 -14.12 8.57 22.41
N TRP A 71 -12.82 8.62 22.18
CA TRP A 71 -12.10 7.56 21.50
C TRP A 71 -11.70 6.46 22.49
N ASN A 72 -11.87 5.20 22.08
CA ASN A 72 -11.36 4.09 22.88
C ASN A 72 -10.16 3.45 22.18
N GLY A 73 -9.67 2.34 22.75
CA GLY A 73 -8.63 1.58 22.10
C GLY A 73 -7.28 2.28 22.06
N MET A 74 -6.43 1.78 21.15
CA MET A 74 -5.12 2.38 20.96
C MET A 74 -5.22 3.83 20.50
N VAL A 75 -6.20 4.13 19.62
CA VAL A 75 -6.37 5.51 19.19
C VAL A 75 -6.62 6.42 20.40
N GLY A 76 -7.51 6.00 21.30
CA GLY A 76 -7.75 6.77 22.51
C GLY A 76 -6.50 6.97 23.35
N GLU A 77 -5.67 5.93 23.48
CA GLU A 77 -4.43 6.05 24.26
CA GLU A 77 -4.48 6.10 24.30
C GLU A 77 -3.55 7.16 23.71
N LEU A 78 -3.52 7.30 22.38
CA LEU A 78 -2.73 8.37 21.77
C LEU A 78 -3.41 9.71 21.93
N VAL A 79 -4.73 9.76 21.67
CA VAL A 79 -5.46 11.03 21.72
C VAL A 79 -5.41 11.66 23.11
N TYR A 80 -5.52 10.84 24.16
CA TYR A 80 -5.62 11.36 25.53
C TYR A 80 -4.29 11.36 26.26
N GLY A 81 -3.19 11.08 25.57
CA GLY A 81 -1.89 11.28 26.16
C GLY A 81 -1.38 10.13 26.99
N LYS A 82 -1.99 8.96 26.89
CA LYS A 82 -1.57 7.80 27.68
C LYS A 82 -0.41 7.06 27.06
N ALA A 83 -0.22 7.18 25.74
CA ALA A 83 0.89 6.54 25.05
C ALA A 83 1.49 7.54 24.08
N ASP A 84 2.77 7.32 23.74
CA ASP A 84 3.51 8.18 22.83
C ASP A 84 3.49 7.70 21.39
N ILE A 85 3.18 6.42 21.16
CA ILE A 85 3.26 5.85 19.83
C ILE A 85 2.48 4.54 19.87
N ALA A 86 1.87 4.20 18.75
CA ALA A 86 1.19 2.91 18.58
C ALA A 86 1.93 2.12 17.50
N ILE A 87 2.42 0.95 17.87
CA ILE A 87 3.11 0.05 16.94
C ILE A 87 2.32 -1.25 16.95
N ALA A 88 1.44 -1.41 15.97
CA ALA A 88 0.37 -2.38 15.98
C ALA A 88 -0.22 -2.49 14.58
N PRO A 89 -1.05 -3.50 14.32
CA PRO A 89 -1.76 -3.55 13.03
C PRO A 89 -2.93 -2.57 13.05
N LEU A 90 -2.60 -1.28 13.07
CA LEU A 90 -3.58 -0.20 13.18
C LEU A 90 -3.81 0.38 11.78
N THR A 91 -5.05 0.26 11.31
CA THR A 91 -5.37 0.63 9.94
C THR A 91 -5.46 2.14 9.77
N ILE A 92 -4.81 2.63 8.71
CA ILE A 92 -4.95 4.02 8.28
C ILE A 92 -6.37 4.25 7.79
N THR A 93 -7.06 5.23 8.40
CA THR A 93 -8.40 5.61 7.97
C THR A 93 -8.52 7.13 8.04
N LEU A 94 -9.49 7.66 7.28
CA LEU A 94 -9.73 9.10 7.25
C LEU A 94 -10.06 9.65 8.64
N VAL A 95 -11.00 9.01 9.34
CA VAL A 95 -11.42 9.57 10.63
C VAL A 95 -10.28 9.51 11.64
N ARG A 96 -9.44 8.48 11.57
CA ARG A 96 -8.28 8.44 12.46
C ARG A 96 -7.22 9.44 12.04
N GLU A 97 -6.98 9.58 10.72
CA GLU A 97 -5.98 10.54 10.25
C GLU A 97 -6.33 11.97 10.69
N GLU A 98 -7.61 12.26 10.87
CA GLU A 98 -8.00 13.58 11.33
C GLU A 98 -7.57 13.87 12.77
N VAL A 99 -7.30 12.84 13.58
CA VAL A 99 -7.03 13.06 15.00
C VAL A 99 -5.65 12.57 15.44
N ILE A 100 -4.99 11.69 14.70
CA ILE A 100 -3.63 11.25 15.01
C ILE A 100 -2.80 11.28 13.73
N ASP A 101 -1.49 11.20 13.90
CA ASP A 101 -0.59 11.11 12.75
C ASP A 101 -0.28 9.64 12.47
N PHE A 102 -0.13 9.32 11.18
CA PHE A 102 0.27 8.00 10.71
C PHE A 102 1.53 8.10 9.87
N SER A 103 2.47 7.19 10.10
CA SER A 103 3.57 7.00 9.18
C SER A 103 3.04 6.50 7.84
N LYS A 104 3.92 6.55 6.83
CA LYS A 104 3.68 5.78 5.64
C LYS A 104 3.48 4.31 6.02
N PRO A 105 2.73 3.55 5.22
CA PRO A 105 2.36 2.20 5.66
C PRO A 105 3.54 1.25 5.72
N PHE A 106 3.50 0.35 6.71
CA PHE A 106 4.49 -0.71 6.83
C PHE A 106 3.97 -2.07 6.42
N MET A 107 2.67 -2.21 6.15
CA MET A 107 2.07 -3.46 5.72
C MET A 107 0.77 -3.15 4.98
N SER A 108 0.52 -3.89 3.90
CA SER A 108 -0.69 -3.80 3.10
CA SER A 108 -0.69 -3.78 3.12
C SER A 108 -1.75 -4.79 3.59
N LEU A 109 -3.01 -4.40 3.45
CA LEU A 109 -4.10 -5.34 3.72
C LEU A 109 -5.37 -4.86 3.03
N GLY A 110 -6.31 -5.79 2.90
CA GLY A 110 -7.67 -5.46 2.54
C GLY A 110 -8.63 -6.35 3.32
N ILE A 111 -9.87 -5.87 3.46
CA ILE A 111 -10.90 -6.71 4.09
C ILE A 111 -11.10 -7.95 3.23
N SER A 112 -11.31 -9.08 3.89
CA SER A 112 -11.39 -10.38 3.22
C SER A 112 -12.36 -11.28 3.97
N ILE A 113 -12.68 -12.43 3.37
CA ILE A 113 -13.62 -13.41 3.91
C ILE A 113 -12.86 -14.64 4.36
N MET A 114 -13.13 -15.06 5.60
CA MET A 114 -12.65 -16.33 6.13
C MET A 114 -13.82 -17.30 6.25
N ILE A 115 -13.67 -18.48 5.66
CA ILE A 115 -14.65 -19.56 5.77
C ILE A 115 -13.99 -20.79 6.36
N LYS A 116 -14.82 -21.63 6.97
CA LYS A 116 -14.40 -23.00 7.22
CA LYS A 116 -14.43 -23.00 7.22
C LYS A 116 -14.33 -23.74 5.89
N LYS A 117 -13.29 -24.54 5.72
CA LYS A 117 -13.09 -25.20 4.44
C LYS A 117 -14.36 -25.95 3.99
N GLY A 118 -14.72 -25.75 2.72
CA GLY A 118 -15.88 -26.38 2.14
C GLY A 118 -17.16 -25.55 2.17
N THR A 119 -17.15 -24.41 2.85
CA THR A 119 -18.32 -23.54 2.86
C THR A 119 -18.62 -23.07 1.44
N PRO A 120 -19.88 -23.14 0.97
CA PRO A 120 -20.18 -22.73 -0.41
C PRO A 120 -20.33 -21.22 -0.54
N ILE A 121 -19.21 -20.54 -0.31
CA ILE A 121 -19.13 -19.08 -0.44
C ILE A 121 -17.83 -18.76 -1.16
N GLU A 122 -17.92 -17.89 -2.18
CA GLU A 122 -16.75 -17.46 -2.94
C GLU A 122 -16.55 -15.96 -2.94
N SER A 123 -17.49 -15.17 -2.43
CA SER A 123 -17.42 -13.73 -2.59
C SER A 123 -18.33 -13.06 -1.58
N ALA A 124 -18.14 -11.75 -1.42
CA ALA A 124 -19.07 -10.96 -0.63
C ALA A 124 -20.45 -10.98 -1.24
N GLU A 125 -20.54 -10.90 -2.57
CA GLU A 125 -21.85 -10.97 -3.22
C GLU A 125 -22.56 -12.27 -2.83
N ASP A 126 -21.84 -13.40 -2.82
CA ASP A 126 -22.43 -14.66 -2.38
C ASP A 126 -23.03 -14.53 -0.98
N LEU A 127 -22.25 -13.97 -0.04
CA LEU A 127 -22.75 -13.81 1.32
C LEU A 127 -24.02 -12.98 1.36
N SER A 128 -24.07 -11.91 0.57
CA SER A 128 -25.18 -10.96 0.64
C SER A 128 -26.47 -11.54 0.08
N LYS A 129 -26.38 -12.58 -0.75
CA LYS A 129 -27.54 -13.14 -1.45
C LYS A 129 -28.14 -14.34 -0.75
N GLN A 130 -27.71 -14.66 0.47
CA GLN A 130 -28.22 -15.81 1.19
C GLN A 130 -28.32 -15.48 2.67
N THR A 131 -28.94 -16.40 3.43
CA THR A 131 -29.16 -16.20 4.85
C THR A 131 -28.80 -17.41 5.69
N GLU A 132 -28.48 -18.56 5.09
CA GLU A 132 -28.14 -19.74 5.87
C GLU A 132 -26.83 -19.54 6.63
N ILE A 133 -25.88 -18.84 6.03
CA ILE A 133 -24.57 -18.60 6.60
C ILE A 133 -24.55 -17.19 7.17
N ALA A 134 -24.38 -17.09 8.49
CA ALA A 134 -24.22 -15.79 9.13
C ALA A 134 -22.80 -15.29 8.93
N TYR A 135 -22.62 -13.99 9.12
CA TYR A 135 -21.30 -13.39 8.97
C TYR A 135 -21.24 -12.10 9.76
N GLY A 136 -20.04 -11.76 10.23
CA GLY A 136 -19.84 -10.56 11.01
C GLY A 136 -18.40 -10.11 11.01
N THR A 137 -18.10 -9.14 11.88
CA THR A 137 -16.80 -8.48 11.93
C THR A 137 -16.35 -8.30 13.38
N LEU A 138 -15.11 -7.82 13.52
CA LEU A 138 -14.60 -7.37 14.82
C LEU A 138 -15.27 -6.07 15.24
N ASP A 139 -15.47 -5.93 16.55
CA ASP A 139 -15.94 -4.68 17.14
C ASP A 139 -14.82 -3.65 17.20
N SER A 140 -15.20 -2.38 17.12
CA SER A 140 -14.34 -1.26 17.50
C SER A 140 -13.13 -1.13 16.57
N GLY A 141 -13.28 -1.53 15.30
CA GLY A 141 -12.20 -1.49 14.35
C GLY A 141 -12.63 -0.94 13.01
N SER A 142 -11.68 -0.94 12.08
CA SER A 142 -11.90 -0.33 10.77
C SER A 142 -12.80 -1.17 9.89
N THR A 143 -12.82 -2.49 10.07
CA THR A 143 -13.68 -3.32 9.23
C THR A 143 -15.15 -3.02 9.49
N LYS A 144 -15.54 -2.95 10.76
CA LYS A 144 -16.93 -2.67 11.07
C LYS A 144 -17.34 -1.29 10.53
N GLU A 145 -16.47 -0.30 10.70
CA GLU A 145 -16.75 1.05 10.20
C GLU A 145 -16.87 1.07 8.68
N PHE A 146 -16.05 0.25 8.00
CA PHE A 146 -16.15 0.16 6.54
C PHE A 146 -17.56 -0.23 6.12
N PHE A 147 -18.12 -1.27 6.74
CA PHE A 147 -19.46 -1.69 6.35
C PHE A 147 -20.50 -0.65 6.76
N ARG A 148 -20.35 -0.08 7.96
CA ARG A 148 -21.31 0.93 8.43
C ARG A 148 -21.37 2.09 7.46
N ARG A 149 -20.24 2.46 6.86
CA ARG A 149 -20.17 3.66 6.05
C ARG A 149 -20.35 3.41 4.56
N SER A 150 -20.27 2.16 4.10
CA SER A 150 -20.25 1.91 2.67
C SER A 150 -21.58 2.26 2.02
N LYS A 151 -21.48 2.93 0.88
CA LYS A 151 -22.62 3.17 0.00
C LYS A 151 -22.65 2.19 -1.17
N ILE A 152 -21.70 1.26 -1.25
CA ILE A 152 -21.70 0.24 -2.27
C ILE A 152 -22.79 -0.79 -1.96
N ALA A 153 -23.60 -1.12 -2.97
CA ALA A 153 -24.83 -1.87 -2.73
C ALA A 153 -24.60 -3.15 -1.94
N VAL A 154 -23.66 -3.99 -2.40
CA VAL A 154 -23.44 -5.27 -1.75
CA VAL A 154 -23.44 -5.27 -1.75
C VAL A 154 -23.04 -5.07 -0.30
N PHE A 155 -22.12 -4.13 -0.05
CA PHE A 155 -21.64 -3.94 1.32
C PHE A 155 -22.70 -3.28 2.19
N ASP A 156 -23.47 -2.36 1.62
CA ASP A 156 -24.61 -1.78 2.33
CA ASP A 156 -24.61 -1.78 2.32
C ASP A 156 -25.61 -2.85 2.72
N LYS A 157 -25.93 -3.75 1.80
CA LYS A 157 -26.82 -4.86 2.09
C LYS A 157 -26.26 -5.72 3.22
N MET A 158 -24.96 -6.01 3.17
CA MET A 158 -24.32 -6.79 4.23
C MET A 158 -24.42 -6.09 5.58
N TRP A 159 -24.13 -4.79 5.61
CA TRP A 159 -24.23 -4.05 6.87
C TRP A 159 -25.66 -4.04 7.40
N THR A 160 -26.64 -3.82 6.53
CA THR A 160 -28.03 -3.80 6.98
C THR A 160 -28.39 -5.12 7.67
N TYR A 161 -27.86 -6.23 7.16
CA TYR A 161 -28.09 -7.52 7.81
C TYR A 161 -27.30 -7.62 9.12
N MET A 162 -26.01 -7.31 9.07
CA MET A 162 -25.16 -7.55 10.24
C MET A 162 -25.61 -6.72 11.43
N ARG A 163 -25.99 -5.47 11.21
CA ARG A 163 -26.29 -4.60 12.34
C ARG A 163 -27.49 -5.10 13.13
N SER A 164 -28.39 -5.85 12.49
CA SER A 164 -29.62 -6.30 13.12
C SER A 164 -29.67 -7.81 13.36
N ALA A 165 -28.64 -8.55 13.00
CA ALA A 165 -28.65 -9.99 13.17
C ALA A 165 -28.72 -10.36 14.65
N GLU A 166 -29.45 -11.43 14.95
CA GLU A 166 -29.59 -11.96 16.30
C GLU A 166 -29.40 -13.47 16.24
N PRO A 167 -28.53 -14.04 17.10
CA PRO A 167 -27.63 -13.33 18.03
C PRO A 167 -26.56 -12.53 17.29
N SER A 168 -25.87 -11.67 18.03
CA SER A 168 -24.89 -10.76 17.44
C SER A 168 -23.87 -11.52 16.61
N VAL A 169 -23.58 -10.98 15.42
CA VAL A 169 -22.55 -11.54 14.57
C VAL A 169 -21.19 -10.90 14.81
N PHE A 170 -21.09 -9.93 15.71
CA PHE A 170 -19.84 -9.24 15.97
C PHE A 170 -19.10 -9.93 17.10
N VAL A 171 -17.77 -9.84 17.04
CA VAL A 171 -16.89 -10.47 18.02
C VAL A 171 -15.96 -9.42 18.62
N ARG A 172 -15.52 -9.68 19.85
CA ARG A 172 -14.68 -8.71 20.56
C ARG A 172 -13.19 -8.86 20.24
N THR A 173 -12.76 -10.04 19.80
CA THR A 173 -11.38 -10.30 19.41
C THR A 173 -11.35 -11.17 18.16
N THR A 174 -10.26 -11.06 17.41
CA THR A 174 -10.06 -11.92 16.25
C THR A 174 -10.18 -13.39 16.61
N ALA A 175 -9.60 -13.77 17.75
CA ALA A 175 -9.63 -15.17 18.17
C ALA A 175 -11.05 -15.68 18.30
N GLU A 176 -11.95 -14.85 18.83
CA GLU A 176 -13.35 -15.24 18.93
C GLU A 176 -13.98 -15.45 17.55
N GLY A 177 -13.63 -14.59 16.58
CA GLY A 177 -14.12 -14.80 15.22
C GLY A 177 -13.64 -16.11 14.62
N VAL A 178 -12.37 -16.43 14.84
CA VAL A 178 -11.80 -17.68 14.34
C VAL A 178 -12.53 -18.87 14.97
N ALA A 179 -12.72 -18.82 16.29
CA ALA A 179 -13.42 -19.92 16.96
C ALA A 179 -14.83 -20.09 16.38
N ARG A 180 -15.51 -18.98 16.12
CA ARG A 180 -16.87 -19.08 15.61
C ARG A 180 -16.90 -19.72 14.22
N VAL A 181 -15.95 -19.34 13.35
CA VAL A 181 -15.83 -20.02 12.06
C VAL A 181 -15.60 -21.51 12.28
N ARG A 182 -14.62 -21.86 13.12
CA ARG A 182 -14.21 -23.26 13.25
C ARG A 182 -15.29 -24.13 13.86
N LYS A 183 -16.16 -23.55 14.71
CA LYS A 183 -17.12 -24.34 15.45
C LYS A 183 -18.52 -24.36 14.83
N SER A 184 -18.76 -23.56 13.78
CA SER A 184 -20.12 -23.34 13.30
C SER A 184 -20.49 -24.20 12.08
N LYS A 185 -19.68 -25.22 11.76
CA LYS A 185 -20.04 -26.23 10.76
C LYS A 185 -20.38 -25.59 9.41
N GLY A 186 -19.66 -24.52 9.08
CA GLY A 186 -19.85 -23.84 7.82
C GLY A 186 -20.94 -22.79 7.82
N LYS A 187 -21.59 -22.54 8.96
CA LYS A 187 -22.70 -21.60 9.04
C LYS A 187 -22.29 -20.22 9.55
N TYR A 188 -21.00 -19.96 9.71
CA TYR A 188 -20.50 -18.62 10.01
C TYR A 188 -19.27 -18.35 9.17
N ALA A 189 -19.23 -17.16 8.56
CA ALA A 189 -18.07 -16.66 7.84
C ALA A 189 -17.64 -15.36 8.51
N TYR A 190 -16.34 -15.11 8.57
CA TYR A 190 -15.81 -13.99 9.33
C TYR A 190 -15.14 -13.00 8.38
N LEU A 191 -15.52 -11.73 8.49
CA LEU A 191 -14.95 -10.65 7.70
C LEU A 191 -13.82 -10.03 8.50
N LEU A 192 -12.60 -10.10 7.96
CA LEU A 192 -11.41 -9.67 8.68
C LEU A 192 -10.33 -9.31 7.68
N GLU A 193 -9.28 -8.69 8.17
CA GLU A 193 -8.24 -8.21 7.28
C GLU A 193 -7.41 -9.36 6.72
N SER A 194 -7.00 -9.21 5.46
CA SER A 194 -6.33 -10.28 4.72
C SER A 194 -5.09 -10.78 5.43
N THR A 195 -4.36 -9.87 6.10
CA THR A 195 -3.19 -10.24 6.90
C THR A 195 -3.53 -11.27 7.96
N MET A 196 -4.55 -10.98 8.77
CA MET A 196 -4.97 -11.91 9.82
CA MET A 196 -4.93 -11.92 9.82
C MET A 196 -5.49 -13.21 9.23
N ASN A 197 -6.27 -13.09 8.15
CA ASN A 197 -6.82 -14.25 7.46
C ASN A 197 -5.72 -15.18 6.98
N GLU A 198 -4.70 -14.63 6.30
CA GLU A 198 -3.63 -15.44 5.74
CA GLU A 198 -3.65 -15.47 5.74
C GLU A 198 -2.76 -16.05 6.83
N TYR A 199 -2.62 -15.38 7.97
CA TYR A 199 -1.92 -15.98 9.11
C TYR A 199 -2.67 -17.19 9.64
N ILE A 200 -3.98 -17.04 9.89
CA ILE A 200 -4.76 -18.15 10.46
C ILE A 200 -4.80 -19.32 9.50
N GLU A 201 -4.81 -19.06 8.19
CA GLU A 201 -4.82 -20.14 7.22
CA GLU A 201 -4.79 -20.12 7.19
C GLU A 201 -3.61 -21.06 7.37
N GLN A 202 -2.53 -20.57 7.97
CA GLN A 202 -1.32 -21.36 8.17
CA GLN A 202 -1.32 -21.35 8.18
C GLN A 202 -1.21 -21.92 9.59
N ARG A 203 -2.28 -21.86 10.37
CA ARG A 203 -2.27 -22.39 11.73
C ARG A 203 -3.15 -23.63 11.83
N LYS A 204 -2.70 -24.60 12.64
CA LYS A 204 -3.51 -25.78 12.92
C LYS A 204 -4.85 -25.37 13.52
N PRO A 205 -5.92 -26.14 13.22
CA PRO A 205 -5.89 -27.39 12.45
C PRO A 205 -6.06 -27.23 10.92
N CYS A 206 -5.69 -26.07 10.38
CA CYS A 206 -5.66 -25.87 8.93
C CYS A 206 -7.04 -26.10 8.32
N ASP A 207 -8.06 -25.52 8.95
CA ASP A 207 -9.44 -25.78 8.55
C ASP A 207 -10.14 -24.51 8.06
N THR A 208 -9.41 -23.41 7.86
CA THR A 208 -9.99 -22.18 7.37
C THR A 208 -9.34 -21.81 6.05
N MET A 209 -10.03 -20.95 5.29
CA MET A 209 -9.38 -20.43 4.11
CA MET A 209 -9.56 -20.53 3.97
C MET A 209 -9.98 -19.09 3.75
N LYS A 210 -9.14 -18.32 3.07
CA LYS A 210 -9.50 -17.01 2.55
C LYS A 210 -10.10 -17.19 1.16
N VAL A 211 -11.27 -16.58 0.93
CA VAL A 211 -11.95 -16.73 -0.35
C VAL A 211 -12.28 -15.37 -0.93
N GLY A 212 -12.21 -15.28 -2.25
CA GLY A 212 -12.56 -14.08 -2.98
C GLY A 212 -11.42 -13.07 -3.01
N GLY A 213 -11.65 -12.00 -3.76
CA GLY A 213 -10.73 -10.88 -3.72
C GLY A 213 -10.94 -10.06 -2.47
N ASN A 214 -9.97 -9.21 -2.18
CA ASN A 214 -10.15 -8.29 -1.07
C ASN A 214 -11.20 -7.25 -1.43
N LEU A 215 -11.91 -6.76 -0.41
CA LEU A 215 -12.99 -5.81 -0.61
CA LEU A 215 -12.98 -5.80 -0.62
C LEU A 215 -12.49 -4.37 -0.71
N ASP A 216 -11.30 -4.08 -0.18
CA ASP A 216 -10.71 -2.76 -0.27
C ASP A 216 -9.19 -2.92 -0.22
N SER A 217 -8.48 -1.79 -0.24
CA SER A 217 -7.03 -1.79 -0.28
C SER A 217 -6.52 -0.66 0.61
N LYS A 218 -5.78 -1.02 1.64
CA LYS A 218 -5.26 -0.01 2.56
C LYS A 218 -4.02 -0.57 3.25
N GLY A 219 -3.66 -0.02 4.40
CA GLY A 219 -2.44 -0.44 5.07
C GLY A 219 -2.47 -0.07 6.53
N TYR A 220 -1.50 -0.62 7.26
CA TYR A 220 -1.24 -0.25 8.63
C TYR A 220 -0.14 0.81 8.69
N GLY A 221 -0.26 1.74 9.63
CA GLY A 221 0.77 2.72 9.85
C GLY A 221 1.10 2.82 11.33
N ILE A 222 2.31 3.29 11.61
CA ILE A 222 2.72 3.61 12.97
CA ILE A 222 2.70 3.61 12.98
C ILE A 222 2.13 4.96 13.33
N ALA A 223 1.40 5.01 14.44
CA ALA A 223 0.65 6.21 14.78
C ALA A 223 1.25 6.92 15.98
N THR A 224 1.19 8.25 15.94
CA THR A 224 1.64 9.13 17.00
C THR A 224 0.57 10.18 17.26
N PRO A 225 0.59 10.81 18.44
CA PRO A 225 -0.31 11.94 18.67
C PRO A 225 -0.06 13.02 17.64
N LYS A 226 -1.12 13.74 17.31
CA LYS A 226 -1.03 14.73 16.25
C LYS A 226 0.02 15.76 16.60
N GLY A 227 0.95 15.99 15.67
CA GLY A 227 2.00 16.96 15.85
C GLY A 227 3.20 16.48 16.63
N SER A 228 3.22 15.23 17.06
CA SER A 228 4.34 14.72 17.84
C SER A 228 5.63 14.82 17.04
N SER A 229 6.70 15.23 17.71
CA SER A 229 8.00 15.33 17.06
C SER A 229 8.59 13.97 16.71
N LEU A 230 8.06 12.88 17.29
CA LEU A 230 8.55 11.55 16.95
CA LEU A 230 8.54 11.54 16.97
C LEU A 230 8.15 11.12 15.56
N GLY A 231 7.06 11.68 15.02
CA GLY A 231 6.52 11.22 13.76
C GLY A 231 7.51 11.22 12.61
N ASN A 232 8.31 12.29 12.50
CA ASN A 232 9.18 12.43 11.33
C ASN A 232 10.19 11.29 11.27
N ALA A 233 10.89 11.04 12.38
CA ALA A 233 11.93 10.01 12.36
C ALA A 233 11.31 8.64 12.14
N VAL A 234 10.16 8.37 12.76
CA VAL A 234 9.51 7.07 12.62
CA VAL A 234 9.57 7.04 12.61
C VAL A 234 9.13 6.82 11.17
N ASN A 235 8.62 7.85 10.51
CA ASN A 235 8.23 7.72 9.12
C ASN A 235 9.42 7.38 8.22
N LEU A 236 10.54 8.09 8.41
CA LEU A 236 11.73 7.76 7.62
C LEU A 236 12.23 6.36 7.94
N ALA A 237 12.10 5.91 9.18
CA ALA A 237 12.53 4.57 9.53
C ALA A 237 11.69 3.51 8.85
N VAL A 238 10.37 3.72 8.79
CA VAL A 238 9.51 2.79 8.07
C VAL A 238 9.95 2.67 6.61
N LEU A 239 10.23 3.79 5.96
CA LEU A 239 10.58 3.75 4.54
C LEU A 239 11.93 3.08 4.34
N LYS A 240 12.87 3.29 5.26
CA LYS A 240 14.16 2.61 5.18
C LYS A 240 14.01 1.10 5.33
N LEU A 241 13.26 0.67 6.34
CA LEU A 241 13.03 -0.76 6.54
C LEU A 241 12.35 -1.39 5.33
N SER A 242 11.39 -0.65 4.74
CA SER A 242 10.73 -1.11 3.52
C SER A 242 11.74 -1.30 2.40
N GLU A 243 12.54 -0.27 2.13
CA GLU A 243 13.44 -0.35 0.98
CA GLU A 243 13.48 -0.30 1.01
C GLU A 243 14.51 -1.40 1.18
N GLN A 244 14.93 -1.64 2.42
CA GLN A 244 15.95 -2.64 2.70
C GLN A 244 15.44 -4.07 2.61
N GLY A 245 14.13 -4.26 2.45
CA GLY A 245 13.54 -5.57 2.40
C GLY A 245 13.22 -6.18 3.74
N LEU A 246 13.43 -5.44 4.83
CA LEU A 246 13.29 -6.01 6.16
CA LEU A 246 13.28 -6.03 6.15
C LEU A 246 11.82 -6.21 6.54
N LEU A 247 10.91 -5.37 6.03
CA LEU A 247 9.50 -5.61 6.31
C LEU A 247 9.03 -6.90 5.64
N ASP A 248 9.50 -7.19 4.43
CA ASP A 248 9.15 -8.44 3.77
C ASP A 248 9.71 -9.63 4.54
N LYS A 249 10.96 -9.53 5.01
CA LYS A 249 11.55 -10.61 5.78
C LYS A 249 10.78 -10.86 7.06
N LEU A 250 10.32 -9.79 7.71
CA LEU A 250 9.59 -9.93 8.96
CA LEU A 250 9.59 -9.93 8.96
C LEU A 250 8.23 -10.56 8.74
N LYS A 251 7.55 -10.22 7.63
CA LYS A 251 6.28 -10.87 7.36
C LYS A 251 6.50 -12.37 7.12
N ASN A 252 7.51 -12.72 6.33
CA ASN A 252 7.77 -14.12 6.06
C ASN A 252 8.10 -14.87 7.34
N LYS A 253 8.78 -14.20 8.27
CA LYS A 253 9.18 -14.86 9.51
C LYS A 253 7.97 -15.27 10.32
N TRP A 254 7.01 -14.37 10.50
CA TRP A 254 5.91 -14.59 11.43
C TRP A 254 4.68 -15.21 10.78
N TRP A 255 4.57 -15.18 9.45
CA TRP A 255 3.46 -15.81 8.73
C TRP A 255 3.77 -17.19 8.16
N TYR A 256 4.92 -17.34 7.50
CA TYR A 256 5.13 -18.52 6.67
C TYR A 256 6.28 -19.38 7.12
N ASP A 257 7.42 -18.81 7.55
CA ASP A 257 8.52 -19.64 8.00
C ASP A 257 8.08 -20.56 9.14
N LYS A 258 7.17 -20.09 9.98
CA LYS A 258 6.68 -20.82 11.14
C LYS A 258 5.34 -21.49 10.89
N GLY A 259 4.85 -21.48 9.64
CA GLY A 259 3.54 -22.04 9.37
C GLY A 259 3.42 -23.49 9.78
N GLU A 260 2.21 -23.88 10.17
CA GLU A 260 1.87 -25.19 10.71
C GLU A 260 1.12 -26.09 9.73
N CYS A 261 0.89 -25.63 8.50
CA CYS A 261 0.04 -26.35 7.56
C CYS A 261 0.80 -26.78 6.31
N GLY A 262 2.10 -27.00 6.45
CA GLY A 262 2.91 -27.53 5.37
C GLY A 262 3.73 -26.46 4.70
N SER A 263 4.48 -26.90 3.69
CA SER A 263 5.41 -26.05 2.96
C SER A 263 4.84 -25.53 1.65
N GLY A 264 3.62 -25.90 1.29
CA GLY A 264 3.01 -25.45 0.05
C GLY A 264 2.94 -23.94 -0.05
N GLY B 1 1.54 32.99 -13.90
CA GLY B 1 0.14 32.53 -14.18
C GLY B 1 -0.91 33.26 -13.36
N ALA B 2 -2.13 32.74 -13.39
CA ALA B 2 -3.24 33.37 -12.68
C ALA B 2 -3.08 33.19 -11.17
N ASN B 3 -3.49 34.20 -10.41
CA ASN B 3 -3.48 34.08 -8.96
C ASN B 3 -4.39 32.94 -8.52
N LYS B 4 -4.10 32.41 -7.33
CA LYS B 4 -4.89 31.37 -6.68
C LYS B 4 -4.95 30.07 -7.49
N THR B 5 -4.22 29.97 -8.59
CA THR B 5 -4.24 28.76 -9.40
C THR B 5 -3.06 27.87 -9.02
N VAL B 6 -3.37 26.63 -8.69
CA VAL B 6 -2.35 25.66 -8.29
C VAL B 6 -1.71 25.07 -9.54
N VAL B 7 -0.39 25.12 -9.61
CA VAL B 7 0.36 24.56 -10.73
C VAL B 7 0.64 23.09 -10.42
N VAL B 8 0.08 22.21 -11.24
CA VAL B 8 0.24 20.77 -11.08
C VAL B 8 1.28 20.29 -12.08
N THR B 9 2.37 19.68 -11.60
CA THR B 9 3.28 19.00 -12.50
C THR B 9 2.87 17.54 -12.64
N THR B 10 2.93 17.03 -13.86
CA THR B 10 2.58 15.64 -14.13
C THR B 10 3.38 15.21 -15.35
N ILE B 11 3.15 13.99 -15.81
CA ILE B 11 4.02 13.40 -16.82
C ILE B 11 3.18 12.60 -17.80
N LEU B 12 3.58 12.61 -19.06
CA LEU B 12 2.88 11.85 -20.08
C LEU B 12 3.28 10.39 -19.93
N GLU B 13 2.35 9.59 -19.41
CA GLU B 13 2.60 8.18 -19.11
C GLU B 13 1.23 7.51 -19.15
N SER B 14 1.03 6.58 -20.07
CA SER B 14 -0.27 5.95 -20.19
C SER B 14 -0.49 4.94 -19.06
N PRO B 15 -1.72 4.84 -18.54
CA PRO B 15 -2.94 5.60 -18.83
C PRO B 15 -3.16 6.74 -17.83
N TYR B 16 -2.09 7.20 -17.18
CA TYR B 16 -2.20 8.24 -16.17
C TYR B 16 -2.49 9.61 -16.77
N VAL B 17 -1.70 10.01 -17.76
CA VAL B 17 -1.94 11.25 -18.50
C VAL B 17 -1.60 11.00 -19.96
N MET B 18 -2.56 11.28 -20.84
CA MET B 18 -2.43 11.07 -22.27
C MET B 18 -3.01 12.27 -23.00
N MET B 19 -2.49 12.54 -24.20
CA MET B 19 -3.09 13.57 -25.05
C MET B 19 -4.40 13.05 -25.64
N LYS B 20 -5.47 13.82 -25.47
CA LYS B 20 -6.74 13.48 -26.09
C LYS B 20 -6.63 13.48 -27.61
N LYS B 21 -7.48 12.67 -28.23
CA LYS B 21 -7.73 12.80 -29.66
C LYS B 21 -8.12 14.24 -29.96
N ASN B 22 -7.50 14.80 -30.99
CA ASN B 22 -7.74 16.16 -31.48
CA ASN B 22 -7.84 16.15 -31.42
C ASN B 22 -7.33 17.22 -30.45
N HIS B 23 -6.40 16.87 -29.57
CA HIS B 23 -5.90 17.81 -28.57
C HIS B 23 -5.37 19.10 -29.17
N GLU B 24 -4.96 19.10 -30.44
CA GLU B 24 -4.36 20.31 -31.00
C GLU B 24 -5.35 21.46 -31.11
N MET B 25 -6.66 21.20 -31.09
CA MET B 25 -7.62 22.29 -31.07
C MET B 25 -8.19 22.54 -29.68
N LEU B 26 -7.67 21.85 -28.66
CA LEU B 26 -8.09 22.03 -27.29
C LEU B 26 -7.09 22.92 -26.56
N GLU B 27 -7.46 23.32 -25.35
CA GLU B 27 -6.69 24.29 -24.59
C GLU B 27 -6.68 23.89 -23.11
N GLY B 28 -5.59 24.23 -22.42
CA GLY B 28 -5.56 24.05 -20.99
C GLY B 28 -5.72 22.61 -20.57
N ASN B 29 -6.38 22.42 -19.43
CA ASN B 29 -6.50 21.08 -18.86
C ASN B 29 -7.27 20.15 -19.78
N GLU B 30 -8.10 20.68 -20.68
CA GLU B 30 -8.89 19.86 -21.58
C GLU B 30 -8.06 19.12 -22.62
N ARG B 31 -6.77 19.45 -22.77
CA ARG B 31 -5.92 18.71 -23.70
C ARG B 31 -5.69 17.28 -23.26
N TYR B 32 -5.88 16.97 -21.98
CA TYR B 32 -5.36 15.75 -21.38
C TYR B 32 -6.48 14.87 -20.86
N GLU B 33 -6.22 13.58 -20.85
CA GLU B 33 -7.13 12.62 -20.23
C GLU B 33 -6.30 11.53 -19.55
N GLY B 34 -6.95 10.84 -18.61
CA GLY B 34 -6.30 9.73 -17.95
C GLY B 34 -6.59 9.64 -16.47
N TYR B 35 -6.01 8.62 -15.83
CA TYR B 35 -6.26 8.37 -14.42
C TYR B 35 -5.89 9.58 -13.57
N CYS B 36 -4.73 10.17 -13.82
CA CYS B 36 -4.28 11.28 -12.98
C CYS B 36 -4.97 12.59 -13.34
N VAL B 37 -5.50 12.69 -14.56
CA VAL B 37 -6.34 13.83 -14.92
C VAL B 37 -7.64 13.80 -14.13
N ASP B 38 -8.29 12.62 -14.09
CA ASP B 38 -9.49 12.47 -13.28
C ASP B 38 -9.18 12.66 -11.79
N LEU B 39 -8.06 12.09 -11.34
CA LEU B 39 -7.71 12.22 -9.92
C LEU B 39 -7.45 13.68 -9.55
N ALA B 40 -6.74 14.41 -10.41
CA ALA B 40 -6.51 15.82 -10.14
C ALA B 40 -7.83 16.57 -9.99
N ALA B 41 -8.80 16.28 -10.86
CA ALA B 41 -10.09 16.96 -10.76
C ALA B 41 -10.79 16.63 -9.45
N GLU B 42 -10.72 15.36 -9.02
CA GLU B 42 -11.34 14.98 -7.76
CA GLU B 42 -11.33 14.98 -7.75
C GLU B 42 -10.65 15.65 -6.57
N ILE B 43 -9.32 15.66 -6.56
CA ILE B 43 -8.59 16.26 -5.45
C ILE B 43 -8.89 17.76 -5.36
N ALA B 44 -8.82 18.44 -6.50
CA ALA B 44 -9.07 19.88 -6.53
C ALA B 44 -10.48 20.22 -6.07
N LYS B 45 -11.47 19.40 -6.44
CA LYS B 45 -12.84 19.64 -6.00
C LYS B 45 -12.95 19.52 -4.48
N HIS B 46 -12.36 18.47 -3.92
CA HIS B 46 -12.45 18.26 -2.47
C HIS B 46 -11.66 19.31 -1.70
N CYS B 47 -10.58 19.83 -2.28
CA CYS B 47 -9.74 20.79 -1.58
C CYS B 47 -10.10 22.22 -1.92
N GLY B 48 -10.94 22.43 -2.94
CA GLY B 48 -11.42 23.74 -3.32
C GLY B 48 -10.40 24.65 -3.95
N PHE B 49 -9.59 24.16 -4.88
CA PHE B 49 -8.68 25.01 -5.62
C PHE B 49 -8.83 24.82 -7.12
N LYS B 50 -8.53 25.89 -7.85
CA LYS B 50 -8.35 25.84 -9.29
C LYS B 50 -6.91 25.45 -9.59
N TYR B 51 -6.69 24.85 -10.75
CA TYR B 51 -5.38 24.29 -11.03
C TYR B 51 -5.11 24.28 -12.53
N LYS B 52 -3.81 24.21 -12.86
CA LYS B 52 -3.34 24.13 -14.24
C LYS B 52 -2.42 22.94 -14.35
N LEU B 53 -2.80 21.97 -15.18
CA LEU B 53 -1.92 20.84 -15.47
C LEU B 53 -0.78 21.29 -16.38
N THR B 54 0.44 20.90 -16.00
CA THR B 54 1.65 21.23 -16.77
CA THR B 54 1.63 21.21 -16.78
C THR B 54 2.50 19.97 -16.86
N ILE B 55 2.88 19.59 -18.07
CA ILE B 55 3.74 18.43 -18.26
C ILE B 55 5.17 18.80 -17.89
N VAL B 56 5.81 17.97 -17.07
CA VAL B 56 7.15 18.24 -16.58
C VAL B 56 8.09 18.50 -17.76
N GLY B 57 8.88 19.57 -17.63
CA GLY B 57 9.61 20.07 -18.78
C GLY B 57 10.61 19.07 -19.34
N ASP B 58 11.34 18.37 -18.47
CA ASP B 58 12.36 17.44 -18.93
C ASP B 58 11.84 16.01 -19.10
N GLY B 59 10.55 15.79 -18.88
CA GLY B 59 9.96 14.48 -19.08
C GLY B 59 10.42 13.40 -18.11
N LYS B 60 10.96 13.77 -16.95
CA LYS B 60 11.50 12.81 -16.00
C LYS B 60 10.69 12.79 -14.71
N TYR B 61 10.78 11.65 -14.02
CA TYR B 61 10.13 11.50 -12.72
C TYR B 61 10.88 12.25 -11.63
N GLY B 62 12.16 11.94 -11.45
CA GLY B 62 12.96 12.69 -10.50
C GLY B 62 14.11 11.91 -9.89
N ALA B 63 15.32 12.41 -10.10
CA ALA B 63 16.52 11.86 -9.51
C ALA B 63 17.44 13.01 -9.13
N ARG B 64 18.30 12.77 -8.15
CA ARG B 64 19.26 13.76 -7.71
C ARG B 64 20.62 13.44 -8.33
N ASP B 65 21.21 14.41 -9.02
CA ASP B 65 22.54 14.26 -9.57
C ASP B 65 23.55 14.06 -8.45
N ALA B 66 24.33 12.99 -8.52
CA ALA B 66 25.26 12.67 -7.45
C ALA B 66 26.30 13.75 -7.25
N ASP B 67 26.69 14.45 -8.32
CA ASP B 67 27.72 15.48 -8.25
C ASP B 67 27.15 16.83 -7.84
N THR B 68 26.19 17.35 -8.62
CA THR B 68 25.63 18.67 -8.37
C THR B 68 24.61 18.66 -7.25
N LYS B 69 24.07 17.49 -6.89
CA LYS B 69 23.01 17.36 -5.91
C LYS B 69 21.72 18.04 -6.37
N ILE B 70 21.60 18.34 -7.66
CA ILE B 70 20.41 18.98 -8.21
C ILE B 70 19.39 17.92 -8.58
N TRP B 71 18.14 18.16 -8.19
CA TRP B 71 17.03 17.29 -8.54
C TRP B 71 16.49 17.66 -9.92
N ASN B 72 16.17 16.64 -10.72
CA ASN B 72 15.49 16.85 -11.98
C ASN B 72 14.05 16.32 -11.89
N GLY B 73 13.34 16.34 -13.02
CA GLY B 73 12.03 15.74 -13.08
C GLY B 73 10.97 16.51 -12.28
N MET B 74 9.88 15.80 -12.00
CA MET B 74 8.80 16.37 -11.22
C MET B 74 9.26 16.72 -9.81
N VAL B 75 10.13 15.88 -9.23
CA VAL B 75 10.67 16.19 -7.91
C VAL B 75 11.38 17.55 -7.94
N GLY B 76 12.23 17.76 -8.95
CA GLY B 76 12.90 19.04 -9.10
C GLY B 76 11.93 20.21 -9.24
N GLU B 77 10.84 20.03 -9.99
CA GLU B 77 9.90 21.13 -10.12
CA GLU B 77 9.85 21.10 -10.13
C GLU B 77 9.29 21.50 -8.78
N LEU B 78 9.10 20.53 -7.89
CA LEU B 78 8.58 20.84 -6.56
C LEU B 78 9.67 21.50 -5.71
N VAL B 79 10.88 20.92 -5.69
CA VAL B 79 11.95 21.40 -4.83
C VAL B 79 12.30 22.85 -5.15
N TYR B 80 12.32 23.21 -6.44
CA TYR B 80 12.80 24.51 -6.87
C TYR B 80 11.69 25.51 -7.12
N GLY B 81 10.44 25.15 -6.81
CA GLY B 81 9.36 26.11 -6.80
C GLY B 81 8.64 26.31 -8.13
N LYS B 82 8.87 25.44 -9.10
CA LYS B 82 8.22 25.58 -10.40
C LYS B 82 6.79 25.05 -10.40
N ALA B 83 6.46 24.14 -9.49
CA ALA B 83 5.12 23.60 -9.38
C ALA B 83 4.72 23.53 -7.92
N ASP B 84 3.41 23.56 -7.68
CA ASP B 84 2.88 23.52 -6.32
C ASP B 84 2.55 22.11 -5.84
N ILE B 85 2.37 21.17 -6.77
CA ILE B 85 1.91 19.84 -6.44
C ILE B 85 2.21 18.97 -7.65
N ALA B 86 2.50 17.70 -7.38
CA ALA B 86 2.68 16.68 -8.41
C ALA B 86 1.57 15.66 -8.26
N ILE B 87 0.78 15.47 -9.32
CA ILE B 87 -0.28 14.47 -9.36
C ILE B 87 0.06 13.57 -10.54
N ALA B 88 0.68 12.42 -10.24
CA ALA B 88 1.35 11.60 -11.23
C ALA B 88 1.66 10.24 -10.62
N PRO B 89 2.07 9.23 -11.44
CA PRO B 89 2.53 7.95 -10.85
C PRO B 89 3.93 8.11 -10.27
N LEU B 90 4.00 8.89 -9.20
CA LEU B 90 5.25 9.26 -8.55
C LEU B 90 5.42 8.41 -7.30
N THR B 91 6.47 7.59 -7.30
CA THR B 91 6.68 6.59 -6.27
C THR B 91 7.22 7.21 -4.97
N ILE B 92 6.61 6.82 -3.86
CA ILE B 92 7.09 7.15 -2.53
C ILE B 92 8.41 6.42 -2.28
N THR B 93 9.46 7.18 -1.98
CA THR B 93 10.75 6.60 -1.65
C THR B 93 11.36 7.39 -0.50
N LEU B 94 12.31 6.74 0.19
CA LEU B 94 13.00 7.39 1.31
C LEU B 94 13.72 8.66 0.87
N VAL B 95 14.50 8.58 -0.21
CA VAL B 95 15.30 9.74 -0.58
C VAL B 95 14.40 10.90 -0.99
N ARG B 96 13.26 10.61 -1.62
CA ARG B 96 12.33 11.69 -1.97
C ARG B 96 11.59 12.21 -0.74
N GLU B 97 11.18 11.31 0.16
CA GLU B 97 10.47 11.74 1.36
C GLU B 97 11.31 12.72 2.18
N GLU B 98 12.64 12.60 2.10
CA GLU B 98 13.51 13.52 2.80
C GLU B 98 13.45 14.95 2.25
N VAL B 99 12.99 15.15 1.02
CA VAL B 99 13.04 16.48 0.40
C VAL B 99 11.68 17.02 -0.01
N ILE B 100 10.65 16.18 -0.16
CA ILE B 100 9.29 16.63 -0.47
C ILE B 100 8.32 15.88 0.43
N ASP B 101 7.09 16.39 0.50
CA ASP B 101 6.01 15.73 1.23
C ASP B 101 5.22 14.83 0.29
N PHE B 102 4.76 13.68 0.81
CA PHE B 102 3.89 12.76 0.08
C PHE B 102 2.60 12.53 0.86
N SER B 103 1.47 12.54 0.16
CA SER B 103 0.23 12.07 0.74
C SER B 103 0.33 10.58 1.05
N LYS B 104 -0.64 10.09 1.81
CA LYS B 104 -0.84 8.65 1.85
C LYS B 104 -1.04 8.15 0.43
N PRO B 105 -0.68 6.90 0.15
CA PRO B 105 -0.66 6.42 -1.23
C PRO B 105 -2.06 6.31 -1.82
N PHE B 106 -2.16 6.60 -3.12
CA PHE B 106 -3.41 6.45 -3.86
C PHE B 106 -3.42 5.24 -4.79
N MET B 107 -2.28 4.55 -4.96
CA MET B 107 -2.20 3.38 -5.81
C MET B 107 -1.01 2.54 -5.37
N SER B 108 -1.18 1.21 -5.40
CA SER B 108 -0.13 0.27 -5.05
CA SER B 108 -0.11 0.30 -5.04
C SER B 108 0.65 -0.17 -6.28
N LEU B 109 1.94 -0.43 -6.10
CA LEU B 109 2.73 -1.04 -7.15
C LEU B 109 3.98 -1.69 -6.57
N GLY B 110 4.58 -2.55 -7.38
CA GLY B 110 5.91 -3.04 -7.13
C GLY B 110 6.67 -3.17 -8.44
N ILE B 111 8.00 -3.17 -8.33
CA ILE B 111 8.83 -3.44 -9.49
C ILE B 111 8.51 -4.84 -9.99
N SER B 112 8.48 -5.00 -11.32
CA SER B 112 8.08 -6.26 -11.93
C SER B 112 8.88 -6.47 -13.21
N ILE B 113 8.75 -7.67 -13.78
CA ILE B 113 9.47 -8.05 -15.00
C ILE B 113 8.50 -8.15 -16.15
N MET B 114 8.82 -7.49 -17.26
CA MET B 114 8.11 -7.65 -18.53
C MET B 114 8.98 -8.43 -19.51
N ILE B 115 8.42 -9.51 -20.07
CA ILE B 115 9.08 -10.27 -21.10
C ILE B 115 8.20 -10.30 -22.34
N LYS B 116 8.86 -10.54 -23.48
CA LYS B 116 8.13 -10.96 -24.65
C LYS B 116 7.63 -12.39 -24.43
N LYS B 117 6.37 -12.65 -24.79
CA LYS B 117 5.79 -13.96 -24.52
C LYS B 117 6.69 -15.09 -25.02
N GLY B 118 6.90 -16.09 -24.17
CA GLY B 118 7.73 -17.22 -24.50
C GLY B 118 9.18 -17.12 -24.04
N THR B 119 9.60 -15.96 -23.55
CA THR B 119 10.95 -15.82 -23.03
C THR B 119 11.15 -16.77 -21.86
N PRO B 120 12.23 -17.53 -21.82
CA PRO B 120 12.43 -18.48 -20.71
C PRO B 120 12.96 -17.80 -19.46
N ILE B 121 12.13 -16.93 -18.89
CA ILE B 121 12.44 -16.21 -17.65
C ILE B 121 11.19 -16.25 -16.78
N GLU B 122 11.36 -16.60 -15.51
CA GLU B 122 10.26 -16.61 -14.56
C GLU B 122 10.50 -15.77 -13.32
N SER B 123 11.69 -15.22 -13.13
CA SER B 123 12.00 -14.53 -11.89
C SER B 123 13.20 -13.62 -12.11
N ALA B 124 13.40 -12.72 -11.14
CA ALA B 124 14.61 -11.93 -11.09
C ALA B 124 15.84 -12.81 -10.92
N GLU B 125 15.73 -13.86 -10.10
CA GLU B 125 16.85 -14.79 -9.96
C GLU B 125 17.21 -15.38 -11.31
N ASP B 126 16.22 -15.77 -12.10
CA ASP B 126 16.48 -16.27 -13.45
C ASP B 126 17.29 -15.26 -14.26
N LEU B 127 16.86 -14.00 -14.27
CA LEU B 127 17.59 -12.98 -15.01
C LEU B 127 19.03 -12.88 -14.54
N SER B 128 19.25 -12.92 -13.23
CA SER B 128 20.58 -12.69 -12.68
C SER B 128 21.54 -13.82 -12.98
N LYS B 129 21.05 -15.03 -13.25
CA LYS B 129 21.90 -16.20 -13.43
C LYS B 129 22.21 -16.49 -14.88
N GLN B 130 21.89 -15.58 -15.80
CA GLN B 130 22.15 -15.79 -17.22
C GLN B 130 22.57 -14.47 -17.84
N THR B 131 23.00 -14.56 -19.11
CA THR B 131 23.51 -13.41 -19.84
C THR B 131 22.99 -13.29 -21.27
N GLU B 132 22.29 -14.29 -21.79
CA GLU B 132 21.78 -14.19 -23.16
C GLU B 132 20.70 -13.10 -23.27
N ILE B 133 19.89 -12.97 -22.23
CA ILE B 133 18.79 -12.01 -22.21
C ILE B 133 19.24 -10.80 -21.41
N ALA B 134 19.34 -9.66 -22.08
CA ALA B 134 19.66 -8.41 -21.42
C ALA B 134 18.43 -7.86 -20.71
N TYR B 135 18.66 -6.94 -19.77
CA TYR B 135 17.55 -6.34 -19.03
C TYR B 135 17.98 -4.99 -18.46
N GLY B 136 17.00 -4.10 -18.32
CA GLY B 136 17.27 -2.76 -17.83
C GLY B 136 16.03 -2.09 -17.29
N THR B 137 16.16 -0.79 -17.03
CA THR B 137 15.13 0.01 -16.38
C THR B 137 14.99 1.37 -17.05
N LEU B 138 13.98 2.11 -16.59
CA LEU B 138 13.83 3.52 -16.94
C LEU B 138 14.92 4.37 -16.27
N ASP B 139 15.41 5.39 -16.99
CA ASP B 139 16.31 6.36 -16.38
C ASP B 139 15.56 7.35 -15.49
N SER B 140 16.27 7.83 -14.46
CA SER B 140 15.83 8.96 -13.66
C SER B 140 14.57 8.67 -12.85
N GLY B 141 14.38 7.40 -12.45
CA GLY B 141 13.20 7.00 -11.73
C GLY B 141 13.54 6.13 -10.53
N SER B 142 12.48 5.70 -9.85
CA SER B 142 12.65 4.95 -8.61
C SER B 142 13.11 3.53 -8.84
N THR B 143 12.80 2.94 -10.00
CA THR B 143 13.25 1.57 -10.24
C THR B 143 14.77 1.52 -10.36
N LYS B 144 15.35 2.43 -11.15
CA LYS B 144 16.79 2.44 -11.28
C LYS B 144 17.47 2.69 -9.94
N GLU B 145 16.95 3.64 -9.17
CA GLU B 145 17.54 3.95 -7.86
C GLU B 145 17.41 2.77 -6.90
N PHE B 146 16.30 2.02 -7.00
CA PHE B 146 16.15 0.82 -6.19
C PHE B 146 17.30 -0.15 -6.42
N PHE B 147 17.61 -0.45 -7.68
CA PHE B 147 18.69 -1.38 -7.97
C PHE B 147 20.05 -0.79 -7.58
N ARG B 148 20.27 0.50 -7.84
CA ARG B 148 21.53 1.13 -7.48
C ARG B 148 21.82 1.01 -5.99
N ARG B 149 20.79 1.15 -5.17
CA ARG B 149 20.95 1.22 -3.72
C ARG B 149 20.86 -0.15 -3.04
N SER B 150 20.39 -1.18 -3.73
CA SER B 150 19.98 -2.41 -3.06
C SER B 150 21.19 -3.23 -2.63
N LYS B 151 21.14 -3.75 -1.41
CA LYS B 151 22.12 -4.69 -0.91
C LYS B 151 21.59 -6.12 -0.93
N ILE B 152 20.37 -6.33 -1.41
CA ILE B 152 19.85 -7.67 -1.61
C ILE B 152 20.65 -8.35 -2.70
N ALA B 153 21.09 -9.59 -2.45
CA ALA B 153 22.11 -10.22 -3.28
C ALA B 153 21.73 -10.25 -4.75
N VAL B 154 20.54 -10.75 -5.08
CA VAL B 154 20.15 -10.87 -6.48
C VAL B 154 20.08 -9.50 -7.14
N PHE B 155 19.51 -8.52 -6.44
CA PHE B 155 19.35 -7.20 -7.04
C PHE B 155 20.69 -6.48 -7.18
N ASP B 156 21.59 -6.65 -6.20
CA ASP B 156 22.93 -6.12 -6.33
C ASP B 156 23.66 -6.73 -7.53
N LYS B 157 23.51 -8.03 -7.73
CA LYS B 157 24.09 -8.68 -8.90
C LYS B 157 23.51 -8.12 -10.19
N MET B 158 22.19 -7.93 -10.23
CA MET B 158 21.55 -7.36 -11.41
C MET B 158 22.05 -5.94 -11.67
N TRP B 159 22.17 -5.13 -10.62
CA TRP B 159 22.67 -3.77 -10.80
C TRP B 159 24.09 -3.76 -11.34
N THR B 160 24.95 -4.62 -10.79
CA THR B 160 26.33 -4.68 -11.25
C THR B 160 26.40 -4.97 -12.75
N TYR B 161 25.50 -5.83 -13.24
CA TYR B 161 25.44 -6.09 -14.67
C TYR B 161 24.89 -4.88 -15.44
N MET B 162 23.74 -4.37 -15.01
CA MET B 162 23.05 -3.33 -15.78
C MET B 162 23.89 -2.06 -15.90
N ARG B 163 24.56 -1.67 -14.81
CA ARG B 163 25.26 -0.38 -14.81
C ARG B 163 26.38 -0.35 -15.84
N SER B 164 26.94 -1.51 -16.20
CA SER B 164 28.07 -1.58 -17.12
C SER B 164 27.73 -2.20 -18.46
N ALA B 165 26.48 -2.63 -18.67
CA ALA B 165 26.12 -3.27 -19.92
C ALA B 165 26.26 -2.31 -21.09
N GLU B 166 26.71 -2.83 -22.23
CA GLU B 166 26.86 -2.06 -23.47
C GLU B 166 26.29 -2.85 -24.65
N PRO B 167 25.45 -2.21 -25.48
CA PRO B 167 24.94 -0.85 -25.35
C PRO B 167 24.04 -0.70 -24.13
N SER B 168 23.74 0.55 -23.77
CA SER B 168 23.00 0.81 -22.55
C SER B 168 21.69 0.03 -22.52
N VAL B 169 21.41 -0.57 -21.36
CA VAL B 169 20.14 -1.25 -21.15
C VAL B 169 19.08 -0.33 -20.59
N PHE B 170 19.41 0.95 -20.36
CA PHE B 170 18.47 1.88 -19.80
C PHE B 170 17.75 2.64 -20.92
N VAL B 171 16.51 3.04 -20.65
CA VAL B 171 15.67 3.72 -21.62
C VAL B 171 15.17 5.04 -21.04
N ARG B 172 14.76 5.93 -21.95
CA ARG B 172 14.35 7.28 -21.59
C ARG B 172 12.89 7.39 -21.22
N THR B 173 12.05 6.50 -21.75
CA THR B 173 10.62 6.49 -21.46
C THR B 173 10.15 5.06 -21.38
N THR B 174 9.04 4.86 -20.65
CA THR B 174 8.43 3.55 -20.57
C THR B 174 8.15 2.97 -21.97
N ALA B 175 7.65 3.80 -22.88
CA ALA B 175 7.33 3.33 -24.22
C ALA B 175 8.55 2.73 -24.92
N GLU B 176 9.73 3.33 -24.73
CA GLU B 176 10.95 2.77 -25.33
C GLU B 176 11.31 1.42 -24.75
N GLY B 177 11.12 1.23 -23.43
CA GLY B 177 11.39 -0.06 -22.84
C GLY B 177 10.47 -1.13 -23.41
N VAL B 178 9.19 -0.82 -23.56
CA VAL B 178 8.24 -1.76 -24.12
C VAL B 178 8.62 -2.09 -25.56
N ALA B 179 8.93 -1.07 -26.35
CA ALA B 179 9.30 -1.31 -27.75
C ALA B 179 10.52 -2.22 -27.84
N ARG B 180 11.50 -2.03 -26.93
CA ARG B 180 12.69 -2.87 -26.94
C ARG B 180 12.36 -4.32 -26.62
N VAL B 181 11.47 -4.55 -25.63
CA VAL B 181 11.01 -5.91 -25.39
C VAL B 181 10.41 -6.48 -26.67
N ARG B 182 9.51 -5.73 -27.30
CA ARG B 182 8.75 -6.26 -28.43
C ARG B 182 9.63 -6.53 -29.64
N LYS B 183 10.74 -5.80 -29.79
CA LYS B 183 11.56 -5.89 -30.99
C LYS B 183 12.80 -6.76 -30.83
N SER B 184 13.10 -7.22 -29.61
CA SER B 184 14.34 -7.93 -29.32
CA SER B 184 14.35 -7.93 -29.35
C SER B 184 14.18 -9.44 -29.39
N LYS B 185 13.04 -9.95 -29.83
CA LYS B 185 12.84 -11.39 -30.05
C LYS B 185 13.16 -12.20 -28.80
N GLY B 186 12.82 -11.63 -27.65
CA GLY B 186 13.01 -12.32 -26.39
C GLY B 186 14.36 -12.12 -25.73
N LYS B 187 15.24 -11.32 -26.31
CA LYS B 187 16.57 -11.12 -25.75
C LYS B 187 16.68 -9.87 -24.90
N TYR B 188 15.55 -9.22 -24.61
CA TYR B 188 15.52 -8.10 -23.67
C TYR B 188 14.29 -8.22 -22.80
N ALA B 189 14.47 -8.05 -21.49
CA ALA B 189 13.39 -7.98 -20.53
C ALA B 189 13.45 -6.63 -19.83
N TYR B 190 12.30 -6.05 -19.53
CA TYR B 190 12.23 -4.68 -19.04
C TYR B 190 11.71 -4.70 -17.61
N LEU B 191 12.43 -4.01 -16.72
CA LEU B 191 12.04 -3.90 -15.32
C LEU B 191 11.25 -2.60 -15.14
N LEU B 192 9.98 -2.73 -14.75
CA LEU B 192 9.09 -1.60 -14.69
C LEU B 192 8.01 -1.88 -13.65
N GLU B 193 7.26 -0.85 -13.29
CA GLU B 193 6.31 -1.00 -12.21
C GLU B 193 5.09 -1.81 -12.66
N SER B 194 4.56 -2.61 -11.72
CA SER B 194 3.52 -3.58 -12.03
C SER B 194 2.29 -2.93 -12.65
N THR B 195 1.97 -1.70 -12.23
CA THR B 195 0.86 -0.94 -12.79
C THR B 195 1.01 -0.74 -14.29
N MET B 196 2.18 -0.29 -14.71
CA MET B 196 2.42 -0.07 -16.14
CA MET B 196 2.41 -0.06 -16.13
C MET B 196 2.52 -1.38 -16.89
N ASN B 197 3.17 -2.37 -16.28
CA ASN B 197 3.26 -3.71 -16.85
C ASN B 197 1.87 -4.28 -17.14
N GLU B 198 0.98 -4.23 -16.15
CA GLU B 198 -0.35 -4.81 -16.32
C GLU B 198 -1.19 -4.04 -17.33
N TYR B 199 -0.97 -2.73 -17.46
CA TYR B 199 -1.68 -1.97 -18.49
C TYR B 199 -1.28 -2.42 -19.88
N ILE B 200 0.03 -2.54 -20.12
CA ILE B 200 0.53 -2.90 -21.44
CA ILE B 200 0.55 -2.91 -21.44
C ILE B 200 0.17 -4.34 -21.79
N GLU B 201 0.14 -5.23 -20.79
CA GLU B 201 -0.18 -6.62 -21.07
CA GLU B 201 -0.20 -6.62 -21.02
C GLU B 201 -1.55 -6.78 -21.70
N GLN B 202 -2.47 -5.83 -21.46
CA GLN B 202 -3.81 -5.90 -22.02
CA GLN B 202 -3.82 -5.87 -22.00
C GLN B 202 -3.98 -5.05 -23.27
N ARG B 203 -2.88 -4.59 -23.87
CA ARG B 203 -2.91 -3.78 -25.08
C ARG B 203 -2.36 -4.59 -26.27
N LYS B 204 -2.94 -4.37 -27.44
CA LYS B 204 -2.36 -4.93 -28.66
C LYS B 204 -0.92 -4.44 -28.81
N PRO B 205 -0.05 -5.27 -29.39
CA PRO B 205 -0.33 -6.58 -30.01
C PRO B 205 -0.32 -7.79 -29.06
N CYS B 206 -0.53 -7.58 -27.76
CA CYS B 206 -0.71 -8.69 -26.82
C CYS B 206 0.47 -9.65 -26.83
N ASP B 207 1.69 -9.12 -26.88
CA ASP B 207 2.87 -9.96 -27.00
C ASP B 207 3.81 -9.85 -25.80
N THR B 208 3.37 -9.21 -24.72
CA THR B 208 4.17 -9.06 -23.51
C THR B 208 3.47 -9.73 -22.34
N MET B 209 4.25 -10.06 -21.32
CA MET B 209 3.74 -10.74 -20.15
CA MET B 209 3.75 -10.76 -20.15
C MET B 209 4.51 -10.30 -18.92
N LYS B 210 3.78 -10.12 -17.82
CA LYS B 210 4.39 -9.94 -16.51
C LYS B 210 4.70 -11.32 -15.94
N VAL B 211 5.94 -11.53 -15.48
CA VAL B 211 6.35 -12.83 -14.95
C VAL B 211 6.93 -12.66 -13.56
N GLY B 212 6.68 -13.64 -12.71
CA GLY B 212 7.22 -13.66 -11.37
C GLY B 212 6.41 -12.78 -10.43
N GLY B 213 6.79 -12.84 -9.17
CA GLY B 213 6.23 -11.90 -8.21
C GLY B 213 6.87 -10.54 -8.36
N ASN B 214 6.26 -9.55 -7.73
CA ASN B 214 6.88 -8.24 -7.69
C ASN B 214 8.11 -8.28 -6.80
N LEU B 215 9.08 -7.44 -7.12
CA LEU B 215 10.35 -7.41 -6.41
C LEU B 215 10.27 -6.58 -5.13
N ASP B 216 9.33 -5.65 -5.03
CA ASP B 216 9.12 -4.86 -3.82
C ASP B 216 7.65 -4.45 -3.75
N SER B 217 7.31 -3.69 -2.71
CA SER B 217 5.94 -3.27 -2.45
C SER B 217 5.93 -1.84 -1.98
N LYS B 218 5.27 -0.96 -2.73
CA LYS B 218 5.24 0.45 -2.39
C LYS B 218 4.00 1.07 -3.04
N GLY B 219 4.02 2.39 -3.22
CA GLY B 219 2.86 3.07 -3.76
C GLY B 219 3.23 4.42 -4.34
N TYR B 220 2.25 4.99 -5.04
CA TYR B 220 2.34 6.37 -5.50
C TYR B 220 1.65 7.29 -4.51
N GLY B 221 2.20 8.49 -4.35
CA GLY B 221 1.57 9.51 -3.54
C GLY B 221 1.55 10.84 -4.28
N ILE B 222 0.61 11.69 -3.85
CA ILE B 222 0.58 13.06 -4.32
C ILE B 222 1.64 13.84 -3.55
N ALA B 223 2.50 14.55 -4.28
CA ALA B 223 3.67 15.19 -3.68
C ALA B 223 3.52 16.70 -3.68
N THR B 224 3.99 17.31 -2.61
CA THR B 224 4.02 18.75 -2.44
C THR B 224 5.38 19.16 -1.92
N PRO B 225 5.75 20.43 -2.10
CA PRO B 225 6.98 20.92 -1.48
C PRO B 225 6.88 20.78 0.03
N LYS B 226 8.03 20.57 0.64
CA LYS B 226 8.05 20.30 2.07
C LYS B 226 7.43 21.48 2.81
N GLY B 227 6.47 21.18 3.69
CA GLY B 227 5.83 22.21 4.48
C GLY B 227 4.70 22.94 3.78
N SER B 228 4.35 22.57 2.55
CA SER B 228 3.29 23.27 1.84
C SER B 228 1.97 23.20 2.61
N SER B 229 1.23 24.30 2.59
CA SER B 229 -0.08 24.34 3.25
C SER B 229 -1.10 23.45 2.54
N LEU B 230 -0.83 23.03 1.31
CA LEU B 230 -1.74 22.17 0.57
CA LEU B 230 -1.75 22.17 0.57
C LEU B 230 -1.71 20.72 1.04
N GLY B 231 -0.63 20.31 1.71
CA GLY B 231 -0.44 18.89 1.99
C GLY B 231 -1.54 18.27 2.81
N ASN B 232 -2.00 18.96 3.84
CA ASN B 232 -2.97 18.37 4.76
C ASN B 232 -4.27 18.03 4.04
N ALA B 233 -4.84 19.00 3.31
CA ALA B 233 -6.12 18.77 2.67
C ALA B 233 -6.03 17.72 1.59
N VAL B 234 -4.92 17.72 0.84
CA VAL B 234 -4.73 16.74 -0.22
C VAL B 234 -4.68 15.34 0.37
N ASN B 235 -3.99 15.19 1.52
CA ASN B 235 -3.88 13.87 2.13
C ASN B 235 -5.25 13.36 2.58
N LEU B 236 -6.04 14.21 3.21
CA LEU B 236 -7.38 13.82 3.63
C LEU B 236 -8.25 13.50 2.41
N ALA B 237 -8.05 14.22 1.31
CA ALA B 237 -8.83 13.95 0.11
C ALA B 237 -8.50 12.57 -0.46
N VAL B 238 -7.21 12.21 -0.49
CA VAL B 238 -6.85 10.87 -0.96
C VAL B 238 -7.55 9.81 -0.13
N LEU B 239 -7.53 9.94 1.19
CA LEU B 239 -8.12 8.90 2.02
C LEU B 239 -9.64 8.84 1.85
N LYS B 240 -10.28 9.99 1.64
CA LYS B 240 -11.72 10.00 1.38
C LYS B 240 -12.04 9.28 0.07
N LEU B 241 -11.30 9.59 -0.99
CA LEU B 241 -11.50 8.92 -2.26
C LEU B 241 -11.25 7.43 -2.15
N SER B 242 -10.22 7.04 -1.38
CA SER B 242 -9.97 5.63 -1.13
C SER B 242 -11.17 4.97 -0.47
N GLU B 243 -11.66 5.57 0.62
CA GLU B 243 -12.73 4.95 1.39
C GLU B 243 -14.07 4.97 0.67
N GLN B 244 -14.28 5.90 -0.26
CA GLN B 244 -15.50 5.94 -1.04
C GLN B 244 -15.49 4.93 -2.18
N GLY B 245 -14.36 4.28 -2.43
CA GLY B 245 -14.23 3.37 -3.53
C GLY B 245 -13.88 4.02 -4.84
N LEU B 246 -13.61 5.32 -4.85
CA LEU B 246 -13.41 6.01 -6.11
C LEU B 246 -12.04 5.74 -6.71
N LEU B 247 -11.01 5.48 -5.89
CA LEU B 247 -9.73 5.10 -6.47
C LEU B 247 -9.84 3.76 -7.20
N ASP B 248 -10.60 2.82 -6.64
CA ASP B 248 -10.82 1.54 -7.31
C ASP B 248 -11.60 1.74 -8.61
N LYS B 249 -12.61 2.61 -8.58
CA LYS B 249 -13.38 2.89 -9.79
C LYS B 249 -12.50 3.47 -10.88
N LEU B 250 -11.61 4.39 -10.51
CA LEU B 250 -10.75 5.02 -11.50
C LEU B 250 -9.76 4.04 -12.09
N LYS B 251 -9.22 3.14 -11.27
CA LYS B 251 -8.32 2.12 -11.80
C LYS B 251 -9.05 1.22 -12.78
N ASN B 252 -10.27 0.81 -12.43
CA ASN B 252 -11.03 -0.07 -13.31
C ASN B 252 -11.34 0.62 -14.64
N LYS B 253 -11.55 1.93 -14.60
CA LYS B 253 -11.88 2.67 -15.81
C LYS B 253 -10.69 2.74 -16.75
N TRP B 254 -9.50 3.05 -16.23
CA TRP B 254 -8.36 3.30 -17.10
C TRP B 254 -7.55 2.04 -17.40
N TRP B 255 -7.73 0.98 -16.61
CA TRP B 255 -7.22 -0.34 -16.92
C TRP B 255 -8.33 -1.24 -17.49
N TYR B 256 -9.41 -0.63 -17.99
CA TYR B 256 -10.56 -1.38 -18.50
C TYR B 256 -10.16 -2.25 -19.68
N ASP B 257 -10.55 -3.52 -19.64
CA ASP B 257 -10.16 -4.50 -20.66
C ASP B 257 -11.26 -4.60 -21.71
N LYS B 258 -11.06 -3.94 -22.85
CA LYS B 258 -12.00 -4.02 -23.96
C LYS B 258 -11.79 -5.28 -24.82
N GLY B 259 -10.87 -6.14 -24.44
CA GLY B 259 -10.67 -7.39 -25.14
C GLY B 259 -9.76 -7.31 -26.33
N GLU B 260 -8.76 -6.41 -26.32
CA GLU B 260 -7.82 -6.40 -27.43
C GLU B 260 -7.00 -7.68 -27.44
N CYS B 261 -6.97 -8.39 -26.31
CA CYS B 261 -6.14 -9.56 -26.10
C CYS B 261 -7.05 -10.70 -25.67
N GLY B 262 -7.39 -11.59 -26.61
CA GLY B 262 -8.22 -12.74 -26.30
C GLY B 262 -9.71 -12.44 -26.22
N SER B 263 -10.39 -13.11 -25.29
CA SER B 263 -11.85 -12.99 -25.20
C SER B 263 -12.31 -11.69 -24.56
N GLY B 264 -11.55 -11.18 -23.58
CA GLY B 264 -12.01 -10.02 -22.83
C GLY B 264 -13.11 -10.39 -21.85
C1 FXW C . -2.42 1.03 0.05
C2 FXW C . -1.37 0.46 0.80
C3 FXW C . -1.03 1.01 2.08
C4 FXW C . -1.76 2.09 2.60
C5 FXW C . -2.78 2.66 1.90
C6 FXW C . -3.12 2.09 0.55
C12 FXW C . 3.63 2.08 0.49
C13 FXW C . 3.56 0.61 0.81
C14 FXW C . 2.48 -0.24 0.38
C11 FXW C . 2.69 2.63 -0.18
S1 FXW C . -3.75 4.05 2.49
O4 FXW C . 6.01 3.07 0.03
C21 FXW C . 3.55 -2.08 2.89
O2 FXW C . -4.77 3.50 3.39
C8 FXW C . 0.28 -0.24 -0.94
C9 FXW C . 1.49 0.55 -0.40
C10 FXW C . 1.65 1.96 -0.62
C15 FXW C . -5.02 3.92 0.43
C16 FXW C . 5.86 0.85 2.02
C17 FXW C . -4.57 2.35 -1.54
C22 FXW C . 4.98 -2.09 3.35
C7 FXW C . -0.60 -0.74 0.22
N1 FXW C . -4.52 4.70 1.34
N2 FXW C . -4.33 2.79 -0.19
S2 FXW C . 5.06 2.96 1.15
N3 FXW C . 5.76 2.13 2.24
N4 FXW C . 4.77 -0.01 1.65
C18 FXW C . -4.84 3.19 -2.79
C19 FXW C . -3.59 2.37 -2.74
C20 FXW C . 4.63 -1.42 2.00
O1 FXW C . -2.81 5.03 3.01
O3 FXW C . 4.56 4.19 1.75
H1 FXW C . -2.64 0.67 -0.77
H2 FXW C . -0.34 0.64 2.57
H3 FXW C . -1.53 2.44 3.43
H10 FXW C . 2.43 -1.15 0.54
H9 FXW C . 2.75 3.55 -0.35
H24 FXW C . 2.99 -1.48 3.35
H23 FXW C . 3.22 -2.89 2.58
H6 FXW C . -0.22 0.31 -1.50
H7 FXW C . 0.60 -0.99 -1.43
H8 FXW C . 1.01 2.40 -1.11
H13 FXW C . -5.79 3.54 0.83
H12 FXW C . -5.27 4.48 -0.27
H15 FXW C . 6.51 0.75 1.35
H16 FXW C . 6.19 0.49 2.83
H17 FXW C . -5.10 1.57 -1.55
H25 FXW C . 5.18 -1.51 4.06
H26 FXW C . 5.42 -2.92 3.28
H5 FXW C . -1.20 -1.37 -0.08
H4 FXW C . -0.05 -1.11 0.89
H11 FXW C . -4.61 5.56 1.29
H14 FXW C . 6.07 2.49 2.96
H18 FXW C . -4.71 4.12 -2.68
H19 FXW C . -5.52 2.89 -3.35
H21 FXW C . -3.61 1.59 -3.27
H20 FXW C . -2.80 2.84 -2.60
H22 FXW C . 4.85 -1.98 1.29
N GLU D . -6.68 -3.23 11.90
CA GLU D . -8.07 -2.90 12.33
C GLU D . -8.09 -1.53 12.98
O GLU D . -7.07 -0.82 13.02
CB GLU D . -8.60 -3.98 13.29
CG GLU D . -9.06 -5.29 12.63
CD GLU D . -10.38 -5.18 11.87
OE1 GLU D . -11.12 -4.18 12.06
OE2 GLU D . -10.69 -6.11 11.11
OXT GLU D . -9.16 -1.09 13.45
H1 GLU D . -6.65 -4.08 11.62
H2 GLU D . -6.45 -2.70 11.22
H3 GLU D . -6.12 -3.11 12.58
HA GLU D . -8.64 -2.88 11.56
HB2 GLU D . -7.90 -4.20 13.93
HB3 GLU D . -9.37 -3.61 13.77
HG2 GLU D . -8.37 -5.56 12.00
HG3 GLU D . -9.17 -5.96 13.31
S SO4 E . -18.26 -0.09 17.01
O1 SO4 E . -18.03 0.98 17.98
O2 SO4 E . -17.59 0.26 15.76
O3 SO4 E . -19.69 -0.25 16.76
O4 SO4 E . -17.79 -1.36 17.55
S SO4 F . -15.49 -30.16 12.04
O1 SO4 F . -14.50 -29.31 12.69
O2 SO4 F . -16.76 -29.46 11.93
O3 SO4 F . -15.03 -30.53 10.70
O4 SO4 F . -15.68 -31.37 12.84
C1 GOL G . -25.05 1.47 14.49
O1 GOL G . -23.82 0.93 14.90
C2 GOL G . -24.89 2.17 13.14
O2 GOL G . -24.44 3.50 13.35
C3 GOL G . -26.19 2.19 12.36
O3 GOL G . -25.91 2.02 10.99
H11 GOL G . -25.41 2.18 15.24
H12 GOL G . -25.79 0.68 14.41
HO1 GOL G . -23.91 0.53 15.79
H2 GOL G . -24.14 1.62 12.57
HO2 GOL G . -24.30 3.92 12.47
H31 GOL G . -26.71 3.13 12.52
H32 GOL G . -26.83 1.37 12.70
HO3 GOL G . -26.75 1.99 10.48
C1 GOL H . 2.09 -12.02 32.25
O1 GOL H . 3.30 -12.40 31.61
C2 GOL H . 1.81 -10.55 31.96
O2 GOL H . 0.61 -10.42 31.24
C3 GOL H . 1.72 -9.75 33.26
O3 GOL H . 3.01 -9.41 33.71
H11 GOL H . 2.18 -12.18 33.32
H12 GOL H . 1.28 -12.64 31.87
HO1 GOL H . 3.51 -13.32 31.85
H2 GOL H . 2.63 -10.15 31.37
HO2 GOL H . -0.13 -10.75 31.78
H31 GOL H . 1.21 -10.34 34.02
H32 GOL H . 1.14 -8.84 33.10
HO3 GOL H . 2.95 -8.86 34.52
C1 GOL I . 21.52 0.55 8.69
O1 GOL I . 20.54 -0.47 8.72
C2 GOL I . 20.91 1.80 8.11
O2 GOL I . 21.19 2.91 8.93
C3 GOL I . 21.41 2.07 6.69
O3 GOL I . 22.48 2.98 6.71
H11 GOL I . 22.37 0.23 8.09
H12 GOL I . 21.88 0.74 9.71
HO1 GOL I . 20.94 -1.31 9.03
H2 GOL I . 19.83 1.66 8.06
HO2 GOL I . 22.14 3.08 8.95
H31 GOL I . 20.60 2.48 6.09
H32 GOL I . 21.72 1.13 6.24
HO3 GOL I . 23.26 2.56 7.14
C1 GOL J . -20.12 -30.90 7.44
O1 GOL J . -19.30 -31.55 6.49
C2 GOL J . -19.75 -29.42 7.50
O2 GOL J . -19.71 -28.88 6.19
C3 GOL J . -18.40 -29.24 8.17
O3 GOL J . -17.98 -27.91 8.05
H11 GOL J . -19.98 -31.35 8.42
H12 GOL J . -21.17 -31.01 7.16
HO1 GOL J . -19.49 -32.51 6.51
H2 GOL J . -20.50 -28.90 8.09
HO2 GOL J . -19.48 -27.93 6.25
H31 GOL J . -17.66 -29.90 7.71
H32 GOL J . -18.47 -29.51 9.23
HO3 GOL J . -17.27 -27.84 7.38
C1 GOL K . 11.21 7.35 32.77
O1 GOL K . 10.13 7.53 31.89
C2 GOL K . 12.50 7.19 31.96
O2 GOL K . 12.32 7.82 30.73
C3 GOL K . 13.69 7.84 32.66
O3 GOL K . 14.74 7.96 31.72
H11 GOL K . 11.04 6.46 33.38
H12 GOL K . 11.30 8.20 33.44
HO1 GOL K . 9.30 7.57 32.39
H2 GOL K . 12.70 6.13 31.82
HO2 GOL K . 12.17 8.77 30.86
H31 GOL K . 14.01 7.21 33.50
H32 GOL K . 13.41 8.81 33.04
HO3 GOL K . 15.51 8.40 32.13
C1 PEG L . 2.73 -4.04 32.88
O1 PEG L . 1.53 -3.38 32.64
C2 PEG L . 3.44 -3.45 34.10
O2 PEG L . 4.85 -3.48 33.98
C3 PEG L . 5.37 -4.62 33.37
C4 PEG L . 6.75 -4.98 33.90
O4 PEG L . 6.90 -6.38 33.75
H11 PEG L . 3.30 -3.96 32.10
H12 PEG L . 2.55 -4.98 33.03
HO1 PEG L . 1.11 -3.75 32.00
H21 PEG L . 3.16 -2.53 34.22
H22 PEG L . 3.18 -3.95 34.88
H31 PEG L . 5.44 -4.46 32.41
H32 PEG L . 4.77 -5.37 33.51
H41 PEG L . 7.43 -4.53 33.40
H42 PEG L . 6.81 -4.75 34.84
HO4 PEG L . 7.41 -6.67 34.37
CL CL M . 14.09 -0.09 25.16
C ACT N . 7.42 -8.20 -1.99
O ACT N . 7.31 -7.11 -1.38
OXT ACT N . 8.28 -8.24 -2.89
CH3 ACT N . 6.56 -9.39 -1.65
H1 ACT N . 5.88 -9.13 -0.84
H2 ACT N . 5.98 -9.68 -2.53
H3 ACT N . 7.20 -10.22 -1.35
C ACT O . -9.85 -3.67 -3.95
O ACT O . -9.42 -2.55 -3.59
OXT ACT O . -8.99 -4.56 -4.10
CH3 ACT O . -11.31 -3.93 -4.19
H1 ACT O . -11.87 -3.01 -4.01
H2 ACT O . -11.66 -4.71 -3.52
H3 ACT O . -11.46 -4.23 -5.22
C ACT P . -23.48 -2.47 16.27
O ACT P . -22.88 -1.38 16.35
OXT ACT P . -23.09 -3.38 17.02
CH3 ACT P . -24.63 -2.66 15.31
H1 ACT P . -24.80 -1.75 14.75
H2 ACT P . -24.38 -3.47 14.61
H3 ACT P . -25.53 -2.93 15.87
C ACT Q . 0.47 12.36 8.96
O ACT Q . -0.01 13.35 8.35
OXT ACT Q . -0.36 11.47 9.28
CH3 ACT Q . 1.93 12.26 9.26
H1 ACT Q . 2.44 13.15 8.88
H2 ACT Q . 2.35 11.38 8.79
H3 ACT Q . 2.07 12.19 10.34
N GLU R . 7.05 5.76 -10.75
CA GLU R . 8.51 5.85 -10.95
C GLU R . 9.06 7.08 -10.25
O GLU R . 8.32 7.80 -9.55
CB GLU R . 8.84 5.91 -12.45
CG GLU R . 8.82 4.53 -13.17
CD GLU R . 9.97 3.62 -12.81
OE1 GLU R . 11.00 4.10 -12.26
OE2 GLU R . 9.86 2.42 -13.10
OXT GLU R . 10.25 7.36 -10.38
HA GLU R . 8.93 5.07 -10.57
HB2 GLU R . 8.20 6.48 -12.89
HB3 GLU R . 9.73 6.26 -12.55
HG2 GLU R . 8.00 4.08 -12.93
HG3 GLU R . 8.85 4.69 -14.13
S SO4 S . 0.66 21.93 -26.70
O1 SO4 S . 2.09 21.72 -26.45
O2 SO4 S . 0.29 23.28 -26.30
O3 SO4 S . 0.39 21.76 -28.12
O4 SO4 S . -0.12 20.96 -25.94
S SO4 T . -18.48 13.98 -1.80
O1 SO4 T . -18.68 15.26 -1.13
O2 SO4 T . -17.50 13.21 -1.06
O3 SO4 T . -18.00 14.21 -3.17
O4 SO4 T . -19.75 13.26 -1.86
S SO4 U . 19.80 8.02 -12.95
O1 SO4 U . 19.11 7.30 -11.88
O2 SO4 U . 20.00 9.41 -12.55
O3 SO4 U . 19.04 7.97 -14.20
O4 SO4 U . 21.10 7.38 -13.19
C1 GOL V . -9.89 24.95 -19.71
O1 GOL V . -9.68 23.63 -20.16
C2 GOL V . -9.81 25.00 -18.19
O2 GOL V . -10.97 24.43 -17.63
C3 GOL V . -8.61 24.21 -17.72
O3 GOL V . -7.40 24.80 -18.14
H11 GOL V . -10.88 25.30 -20.03
H12 GOL V . -9.15 25.61 -20.14
HO1 GOL V . -9.80 23.60 -21.12
H2 GOL V . -9.70 26.04 -17.87
HO2 GOL V . -11.05 23.50 -17.92
H31 GOL V . -8.67 23.20 -18.13
H32 GOL V . -8.61 24.13 -16.64
HO3 GOL V . -6.95 25.21 -17.36
C1 GOL W . 4.45 28.16 -10.54
O1 GOL W . 5.65 28.77 -10.93
C2 GOL W . 4.40 27.99 -9.02
O2 GOL W . 5.15 26.87 -8.62
C3 GOL W . 4.91 29.26 -8.37
O3 GOL W . 3.93 30.26 -8.50
H11 GOL W . 4.37 27.19 -11.03
H12 GOL W . 3.61 28.77 -10.87
HO1 GOL W . 5.70 28.81 -11.91
H2 GOL W . 3.35 27.85 -8.73
HO2 GOL W . 6.09 27.00 -8.85
H31 GOL W . 5.83 29.58 -8.84
H32 GOL W . 5.11 29.08 -7.31
HO3 GOL W . 3.98 30.65 -9.40
C1 PEG X . 26.59 2.86 -8.39
O1 PEG X . 27.10 1.56 -8.49
C2 PEG X . 27.02 3.67 -9.62
O2 PEG X . 25.95 4.44 -10.07
C3 PEG X . 26.12 5.02 -11.34
C4 PEG X . 26.20 3.94 -12.42
O4 PEG X . 27.53 3.56 -12.61
H11 PEG X . 26.93 3.29 -7.58
H12 PEG X . 25.62 2.82 -8.34
HO1 PEG X . 26.94 1.13 -7.77
H21 PEG X . 27.76 4.24 -9.37
H22 PEG X . 27.30 3.06 -10.31
H31 PEG X . 25.37 5.60 -11.52
H32 PEG X . 26.93 5.53 -11.34
H41 PEG X . 25.85 4.29 -13.25
H42 PEG X . 25.68 3.17 -12.14
HO4 PEG X . 27.64 3.26 -13.40
CL CL Y . -4.89 13.73 -32.17
CL CL Z . 19.80 -11.24 0.35
#